data_5O5E
#
_entry.id   5O5E
#
_cell.length_a   102.091
_cell.length_b   102.091
_cell.length_c   240.061
_cell.angle_alpha   90.00
_cell.angle_beta   90.00
_cell.angle_gamma   120.00
#
_symmetry.space_group_name_H-M   'P 65 2 2'
#
loop_
_entity.id
_entity.type
_entity.pdbx_description
1 polymer 'UDP-N-acetylglucosamine--dolichyl-phosphate N-acetylglucosaminephosphotransferase'
2 non-polymer '(2S)-3-{[{[(2S)-2,3-DIHYDROXYPROPYL]OXY}(HYDROXY)PHOSPHORYL]OXY}-2-[(6E)-HEXADEC-6-ENOYLOXY]PROPYL (8E)-OCTADEC-8-ENOATE'
3 non-polymer Tunicamycin
4 non-polymer 'UNKNOWN LIGAND'
5 water water
#
_entity_poly.entity_id   1
_entity_poly.type   'polypeptide(L)'
_entity_poly.pdbx_seq_one_letter_code
;SMWAFSELPMPLLINLIVSLLGFVATVTLIPAFRGHFIAARLCGQDLNKTSRQQIPESQGVISGAVFLIILFCFIPFPFL
NCFVKEQCKAFPHHEFVALIGALLAICCMIFLGFADDVLNLRWRHKLLLPTAASLPLLMVYFTNFGNTTIVVPKPFRPIL
GLHLDLGILYYVYMGLLAVFCTNAINILAGINGLEAGQSLVISASIIVFNLVELEGDCRDDHVFSLYFMIPFFFTTLGLL
YHNWYPSRVFVGDTFCYFAGMTFAGVGILGHFSKTMLLFFMPQVFNFLYSLPQLLHIIPCPRHRIPRLNIKTGKLEMSYS
KFKTKSLSFLGTFILKVAESLQLVTVHQSETEDGEFTECNNMTLINLLLKVLGPIHERNLTLLLLLLQILGSAITFSIRY
QLVRLFYDV
;
_entity_poly.pdbx_strand_id   A
#
loop_
_chem_comp.id
_chem_comp.type
_chem_comp.name
_chem_comp.formula
9LH non-polymer Tunicamycin 'C38 H62 N4 O16'
P6L non-polymer '(2S)-3-{[{[(2S)-2,3-DIHYDROXYPROPYL]OXY}(HYDROXY)PHOSPHORYL]OXY}-2-[(6E)-HEXADEC-6-ENOYLOXY]PROPYL (8E)-OCTADEC-8-ENOATE' 'C40 H75 O10 P'
UNL non-polymer 'UNKNOWN LIGAND' ?
#
# COMPACT_ATOMS: atom_id res chain seq x y z
N PRO A 9 -27.95 -11.51 4.48
CA PRO A 9 -27.05 -10.77 3.59
C PRO A 9 -27.76 -9.61 2.89
N MET A 10 -28.72 -8.96 3.60
CA MET A 10 -29.46 -7.81 3.07
C MET A 10 -28.62 -6.52 3.14
N PRO A 11 -27.97 -6.14 4.28
CA PRO A 11 -27.15 -4.91 4.25
C PRO A 11 -25.97 -5.07 3.29
N LEU A 12 -25.44 -6.31 3.12
CA LEU A 12 -24.37 -6.61 2.16
C LEU A 12 -24.87 -6.43 0.74
N LEU A 13 -26.15 -6.76 0.48
CA LEU A 13 -26.78 -6.59 -0.83
C LEU A 13 -26.86 -5.10 -1.15
N ILE A 14 -27.29 -4.28 -0.18
CA ILE A 14 -27.37 -2.82 -0.31
C ILE A 14 -25.95 -2.27 -0.55
N ASN A 15 -24.98 -2.75 0.27
CA ASN A 15 -23.56 -2.37 0.22
C ASN A 15 -22.96 -2.62 -1.16
N LEU A 16 -23.34 -3.74 -1.82
CA LEU A 16 -22.85 -4.06 -3.15
C LEU A 16 -23.51 -3.15 -4.21
N ILE A 17 -24.83 -2.89 -4.08
CA ILE A 17 -25.60 -2.04 -5.02
C ILE A 17 -24.96 -0.63 -5.04
N VAL A 18 -24.66 -0.06 -3.85
CA VAL A 18 -24.04 1.26 -3.76
C VAL A 18 -22.57 1.21 -4.21
N SER A 19 -21.87 0.06 -4.04
CA SER A 19 -20.48 -0.09 -4.48
C SER A 19 -20.36 -0.07 -6.00
N LEU A 20 -21.33 -0.67 -6.71
CA LEU A 20 -21.35 -0.68 -8.17
C LEU A 20 -21.66 0.73 -8.67
N LEU A 21 -22.56 1.45 -7.96
CA LEU A 21 -22.90 2.83 -8.25
C LEU A 21 -21.68 3.73 -7.99
N GLY A 22 -20.87 3.34 -7.01
CA GLY A 22 -19.63 4.01 -6.65
C GLY A 22 -18.58 3.82 -7.72
N PHE A 23 -18.52 2.61 -8.32
CA PHE A 23 -17.57 2.33 -9.40
C PHE A 23 -17.87 3.24 -10.59
N VAL A 24 -19.17 3.31 -11.00
CA VAL A 24 -19.66 4.15 -12.09
C VAL A 24 -19.29 5.62 -11.79
N ALA A 25 -19.57 6.08 -10.55
CA ALA A 25 -19.27 7.42 -10.08
C ALA A 25 -17.77 7.75 -10.23
N THR A 26 -16.86 6.89 -9.72
CA THR A 26 -15.40 7.06 -9.79
C THR A 26 -14.92 7.16 -11.25
N VAL A 27 -15.33 6.21 -12.12
CA VAL A 27 -14.99 6.14 -13.55
C VAL A 27 -15.42 7.43 -14.28
N THR A 28 -16.58 7.99 -13.92
CA THR A 28 -17.15 9.19 -14.54
C THR A 28 -16.52 10.48 -14.01
N LEU A 29 -16.29 10.58 -12.68
CA LEU A 29 -15.79 11.81 -12.06
C LEU A 29 -14.32 12.08 -12.29
N ILE A 30 -13.45 11.04 -12.27
CA ILE A 30 -12.00 11.20 -12.46
C ILE A 30 -11.69 12.07 -13.75
N PRO A 31 -12.25 11.77 -14.96
CA PRO A 31 -11.96 12.64 -16.13
C PRO A 31 -12.64 14.00 -16.04
N ALA A 32 -13.75 14.12 -15.27
CA ALA A 32 -14.51 15.36 -15.12
C ALA A 32 -13.74 16.42 -14.32
N PHE A 33 -12.89 16.00 -13.36
CA PHE A 33 -12.11 16.90 -12.51
C PHE A 33 -10.68 17.14 -13.00
N ARG A 34 -10.25 16.43 -14.09
CA ARG A 34 -8.91 16.55 -14.70
C ARG A 34 -8.46 18.01 -14.81
N GLY A 35 -9.34 18.86 -15.30
CA GLY A 35 -9.08 20.29 -15.46
C GLY A 35 -8.61 20.96 -14.20
N HIS A 36 -9.34 20.72 -13.10
CA HIS A 36 -9.09 21.28 -11.78
C HIS A 36 -7.70 20.90 -11.24
N PHE A 37 -7.24 19.67 -11.51
CA PHE A 37 -5.96 19.21 -11.00
C PHE A 37 -4.80 19.76 -11.81
N ILE A 38 -4.97 19.86 -13.14
CA ILE A 38 -3.93 20.41 -14.01
C ILE A 38 -3.76 21.88 -13.66
N ALA A 39 -4.89 22.59 -13.47
CA ALA A 39 -4.91 23.98 -13.04
C ALA A 39 -4.23 24.09 -11.68
N ALA A 40 -4.64 23.28 -10.69
CA ALA A 40 -4.07 23.27 -9.34
C ALA A 40 -2.60 22.80 -9.31
N ARG A 41 -2.04 22.44 -10.49
CA ARG A 41 -0.67 21.93 -10.69
C ARG A 41 -0.49 20.53 -10.02
N LEU A 42 -1.59 19.90 -9.52
CA LEU A 42 -1.60 18.55 -8.97
C LEU A 42 -1.46 17.57 -10.13
N CYS A 43 -0.20 17.37 -10.56
CA CYS A 43 0.18 16.53 -11.69
C CYS A 43 1.68 16.30 -11.71
N GLY A 44 2.08 15.23 -12.39
CA GLY A 44 3.47 14.85 -12.59
C GLY A 44 3.66 14.19 -13.94
N GLN A 45 4.90 14.07 -14.38
CA GLN A 45 5.21 13.43 -15.66
C GLN A 45 5.34 11.91 -15.46
N ASP A 46 5.05 11.10 -16.49
CA ASP A 46 5.26 9.65 -16.40
C ASP A 46 6.75 9.44 -16.62
N LEU A 47 7.53 9.45 -15.53
CA LEU A 47 8.99 9.39 -15.51
C LEU A 47 9.61 8.17 -16.24
N ASN A 48 8.81 7.13 -16.53
CA ASN A 48 9.30 5.94 -17.23
C ASN A 48 8.87 5.98 -18.70
N LYS A 49 8.40 7.15 -19.17
CA LYS A 49 7.96 7.37 -20.54
C LYS A 49 8.62 8.61 -21.12
N THR A 50 8.87 8.56 -22.43
CA THR A 50 9.53 9.64 -23.18
C THR A 50 8.65 10.90 -23.23
N SER A 51 7.30 10.75 -23.20
CA SER A 51 6.32 11.84 -23.22
C SER A 51 6.50 12.79 -22.02
N ARG A 52 6.70 14.08 -22.29
CA ARG A 52 6.92 15.11 -21.28
C ARG A 52 5.61 15.71 -20.71
N GLN A 53 4.43 15.26 -21.20
CA GLN A 53 3.13 15.77 -20.75
C GLN A 53 2.91 15.48 -19.26
N GLN A 54 2.19 16.38 -18.57
CA GLN A 54 1.90 16.19 -17.15
C GLN A 54 0.50 15.60 -16.99
N ILE A 55 0.48 14.43 -16.33
CA ILE A 55 -0.68 13.59 -16.02
C ILE A 55 -1.20 13.99 -14.64
N PRO A 56 -2.53 14.22 -14.43
CA PRO A 56 -3.01 14.64 -13.11
C PRO A 56 -2.74 13.58 -12.02
N GLU A 57 -2.19 14.04 -10.88
CA GLU A 57 -1.83 13.25 -9.70
C GLU A 57 -3.00 13.30 -8.70
N SER A 58 -2.85 12.69 -7.51
CA SER A 58 -3.81 12.67 -6.40
C SER A 58 -5.24 12.28 -6.78
N GLN A 59 -5.43 11.39 -7.78
CA GLN A 59 -6.79 11.01 -8.19
C GLN A 59 -7.47 10.09 -7.16
N GLY A 60 -6.70 9.63 -6.17
CA GLY A 60 -7.19 8.83 -5.05
C GLY A 60 -8.11 9.66 -4.17
N VAL A 61 -8.05 11.00 -4.33
CA VAL A 61 -8.89 11.95 -3.62
C VAL A 61 -10.34 11.81 -4.13
N ILE A 62 -10.53 11.54 -5.45
CA ILE A 62 -11.84 11.41 -6.07
C ILE A 62 -12.45 10.07 -5.70
N SER A 63 -11.69 8.95 -5.84
CA SER A 63 -12.19 7.62 -5.44
C SER A 63 -12.43 7.57 -3.92
N GLY A 64 -11.48 8.10 -3.13
CA GLY A 64 -11.58 8.20 -1.68
C GLY A 64 -12.78 9.00 -1.23
N ALA A 65 -13.12 10.08 -1.98
CA ALA A 65 -14.29 10.93 -1.74
C ALA A 65 -15.57 10.13 -2.00
N VAL A 66 -15.68 9.53 -3.22
CA VAL A 66 -16.78 8.65 -3.64
C VAL A 66 -16.99 7.62 -2.52
N PHE A 67 -15.90 6.94 -2.08
CA PHE A 67 -15.87 5.95 -1.01
C PHE A 67 -16.57 6.46 0.25
N LEU A 68 -16.23 7.69 0.71
CA LEU A 68 -16.83 8.28 1.91
C LEU A 68 -18.34 8.55 1.72
N ILE A 69 -18.75 9.16 0.58
CA ILE A 69 -20.17 9.45 0.29
C ILE A 69 -20.97 8.13 0.31
N ILE A 70 -20.45 7.05 -0.31
CA ILE A 70 -21.08 5.73 -0.34
C ILE A 70 -21.37 5.25 1.10
N LEU A 71 -20.30 5.14 1.92
CA LEU A 71 -20.37 4.63 3.28
C LEU A 71 -21.15 5.53 4.20
N PHE A 72 -21.18 6.84 3.95
CA PHE A 72 -22.00 7.76 4.77
C PHE A 72 -23.47 7.46 4.52
N CYS A 73 -23.81 7.18 3.24
CA CYS A 73 -25.14 6.80 2.78
C CYS A 73 -25.51 5.40 3.29
N PHE A 74 -24.49 4.53 3.43
CA PHE A 74 -24.65 3.15 3.86
C PHE A 74 -24.98 3.03 5.35
N ILE A 75 -24.33 3.83 6.24
CA ILE A 75 -24.46 3.90 7.71
C ILE A 75 -25.85 3.43 8.27
N PRO A 76 -27.04 3.94 7.83
CA PRO A 76 -28.29 3.49 8.48
C PRO A 76 -28.74 2.08 8.10
N PHE A 77 -28.36 1.58 6.91
CA PHE A 77 -28.77 0.27 6.40
C PHE A 77 -28.37 -0.92 7.29
N PRO A 78 -27.11 -1.10 7.78
CA PRO A 78 -26.82 -2.29 8.61
C PRO A 78 -27.50 -2.29 10.00
N PHE A 79 -28.30 -1.25 10.31
CA PHE A 79 -28.99 -1.11 11.61
C PHE A 79 -30.51 -1.08 11.42
N LEU A 80 -31.01 -0.26 10.47
CA LEU A 80 -32.44 -0.16 10.17
C LEU A 80 -32.87 -1.31 9.26
N PRO A 92 -26.82 -2.23 20.23
CA PRO A 92 -26.65 -2.18 18.78
C PRO A 92 -25.49 -1.30 18.34
N HIS A 93 -25.11 -0.33 19.20
CA HIS A 93 -24.07 0.67 18.97
C HIS A 93 -22.63 0.12 18.97
N HIS A 94 -22.44 -1.16 19.36
CA HIS A 94 -21.13 -1.83 19.39
C HIS A 94 -20.47 -1.84 18.00
N GLU A 95 -21.28 -2.03 16.92
CA GLU A 95 -20.86 -2.07 15.52
C GLU A 95 -21.02 -0.69 14.88
N PHE A 96 -21.83 0.19 15.52
CA PHE A 96 -22.07 1.55 15.04
C PHE A 96 -20.89 2.47 15.37
N VAL A 97 -20.32 2.31 16.58
CA VAL A 97 -19.15 3.04 17.07
C VAL A 97 -17.95 2.67 16.18
N ALA A 98 -17.78 1.35 15.90
CA ALA A 98 -16.72 0.80 15.06
C ALA A 98 -16.83 1.30 13.63
N LEU A 99 -18.07 1.48 13.15
CA LEU A 99 -18.35 1.96 11.80
C LEU A 99 -17.94 3.43 11.64
N ILE A 100 -18.52 4.32 12.48
CA ILE A 100 -18.26 5.76 12.47
C ILE A 100 -16.77 6.02 12.79
N GLY A 101 -16.23 5.31 13.77
CA GLY A 101 -14.83 5.40 14.19
C GLY A 101 -13.86 5.10 13.07
N ALA A 102 -14.05 3.96 12.39
CA ALA A 102 -13.21 3.53 11.27
C ALA A 102 -13.28 4.54 10.11
N LEU A 103 -14.49 5.08 9.83
CA LEU A 103 -14.70 6.09 8.80
C LEU A 103 -13.99 7.40 9.17
N LEU A 104 -13.89 7.73 10.48
CA LEU A 104 -13.18 8.93 10.93
C LEU A 104 -11.68 8.76 10.69
N ALA A 105 -11.12 7.57 11.02
CA ALA A 105 -9.71 7.25 10.79
C ALA A 105 -9.36 7.23 9.28
N ILE A 106 -10.29 6.75 8.43
CA ILE A 106 -10.10 6.69 6.99
C ILE A 106 -10.24 8.11 6.41
N CYS A 107 -11.33 8.84 6.72
CA CYS A 107 -11.55 10.22 6.26
C CYS A 107 -10.37 11.12 6.60
N CYS A 108 -9.88 11.00 7.84
CA CYS A 108 -8.73 11.74 8.34
C CYS A 108 -7.48 11.41 7.53
N MET A 109 -7.36 10.16 7.07
CA MET A 109 -6.22 9.69 6.31
C MET A 109 -6.26 10.15 4.85
N ILE A 110 -7.45 10.16 4.19
CA ILE A 110 -7.61 10.65 2.82
C ILE A 110 -7.27 12.15 2.84
N PHE A 111 -7.69 12.84 3.94
CA PHE A 111 -7.44 14.26 4.17
C PHE A 111 -5.95 14.54 4.28
N LEU A 112 -5.28 13.84 5.21
CA LEU A 112 -3.86 13.97 5.47
C LEU A 112 -3.02 13.59 4.25
N GLY A 113 -3.46 12.56 3.53
CA GLY A 113 -2.81 12.06 2.32
C GLY A 113 -2.81 13.10 1.23
N PHE A 114 -3.96 13.79 1.03
CA PHE A 114 -4.15 14.85 0.06
C PHE A 114 -3.26 16.05 0.40
N ALA A 115 -3.10 16.36 1.70
CA ALA A 115 -2.25 17.43 2.17
C ALA A 115 -0.80 17.08 1.97
N ASP A 116 -0.46 15.79 2.01
CA ASP A 116 0.91 15.34 1.76
C ASP A 116 1.21 15.38 0.24
N ASP A 117 0.15 15.28 -0.55
CA ASP A 117 0.26 15.34 -1.99
C ASP A 117 0.42 16.80 -2.40
N VAL A 118 -0.39 17.68 -1.81
CA VAL A 118 -0.42 19.11 -2.09
C VAL A 118 0.81 19.83 -1.51
N LEU A 119 1.15 19.59 -0.23
CA LEU A 119 2.23 20.32 0.44
C LEU A 119 3.60 19.63 0.44
N ASN A 120 3.68 18.33 0.01
CA ASN A 120 4.90 17.51 -0.06
C ASN A 120 5.63 17.55 1.29
N LEU A 121 5.04 16.87 2.27
CA LEU A 121 5.53 16.84 3.65
C LEU A 121 6.86 16.06 3.79
N ARG A 122 7.56 16.33 4.91
CA ARG A 122 8.82 15.69 5.29
C ARG A 122 8.56 14.23 5.69
N TRP A 123 9.63 13.38 5.67
CA TRP A 123 9.52 11.97 6.07
C TRP A 123 9.09 11.86 7.54
N ARG A 124 9.37 12.92 8.33
CA ARG A 124 9.00 13.04 9.73
C ARG A 124 7.47 12.96 9.87
N HIS A 125 6.73 13.67 8.99
CA HIS A 125 5.25 13.72 8.95
C HIS A 125 4.67 12.44 8.37
N LYS A 126 5.32 11.86 7.33
CA LYS A 126 4.94 10.61 6.66
C LYS A 126 4.80 9.43 7.66
N LEU A 127 5.41 9.60 8.86
CA LEU A 127 5.44 8.63 9.96
C LEU A 127 4.52 9.01 11.11
N LEU A 128 4.67 10.23 11.64
CA LEU A 128 3.95 10.71 12.82
C LEU A 128 2.46 10.94 12.58
N LEU A 129 2.10 11.73 11.56
CA LEU A 129 0.71 12.07 11.25
C LEU A 129 -0.19 10.82 11.06
N PRO A 130 0.18 9.75 10.28
CA PRO A 130 -0.66 8.55 10.22
C PRO A 130 -0.98 7.94 11.60
N THR A 131 -0.08 8.12 12.61
CA THR A 131 -0.27 7.63 14.00
C THR A 131 -1.38 8.40 14.67
N ALA A 132 -1.48 9.71 14.38
CA ALA A 132 -2.52 10.57 14.94
C ALA A 132 -3.87 10.25 14.32
N ALA A 133 -3.90 10.04 12.98
CA ALA A 133 -5.10 9.70 12.23
C ALA A 133 -5.68 8.35 12.62
N SER A 134 -4.83 7.43 13.15
CA SER A 134 -5.23 6.08 13.55
C SER A 134 -5.79 6.03 14.99
N LEU A 135 -5.76 7.19 15.70
CA LEU A 135 -6.27 7.30 17.07
C LEU A 135 -7.76 6.91 17.21
N PRO A 136 -8.71 7.34 16.30
CA PRO A 136 -10.11 6.91 16.46
C PRO A 136 -10.25 5.40 16.56
N LEU A 137 -9.47 4.61 15.76
CA LEU A 137 -9.48 3.13 15.79
C LEU A 137 -9.02 2.58 17.14
N LEU A 138 -7.94 3.16 17.68
CA LEU A 138 -7.36 2.81 18.98
C LEU A 138 -8.38 3.10 20.08
N MET A 139 -9.00 4.30 20.04
CA MET A 139 -9.99 4.76 21.01
C MET A 139 -11.26 3.91 20.98
N VAL A 140 -11.71 3.51 19.76
CA VAL A 140 -12.89 2.64 19.57
C VAL A 140 -12.57 1.28 20.20
N TYR A 141 -11.35 0.75 19.92
CA TYR A 141 -10.87 -0.52 20.46
C TYR A 141 -10.79 -0.48 22.00
N PHE A 142 -10.37 0.69 22.55
CA PHE A 142 -10.25 0.94 23.99
C PHE A 142 -11.63 0.91 24.68
N THR A 143 -12.60 1.69 24.15
CA THR A 143 -13.95 1.81 24.69
C THR A 143 -14.77 0.54 24.48
N ASN A 144 -14.56 -0.17 23.37
CA ASN A 144 -15.30 -1.39 23.10
C ASN A 144 -14.57 -2.62 23.69
N PHE A 145 -13.59 -2.37 24.60
CA PHE A 145 -12.78 -3.36 25.35
C PHE A 145 -12.18 -4.44 24.43
N GLY A 146 -11.22 -4.04 23.61
CA GLY A 146 -10.55 -4.93 22.67
C GLY A 146 -9.54 -5.83 23.35
N ASN A 147 -9.43 -7.08 22.86
CA ASN A 147 -8.50 -8.08 23.39
C ASN A 147 -7.05 -7.68 23.10
N THR A 148 -6.38 -7.15 24.13
CA THR A 148 -4.99 -6.67 24.09
C THR A 148 -4.00 -7.84 24.14
N THR A 149 -4.49 -9.04 24.52
CA THR A 149 -3.73 -10.28 24.63
C THR A 149 -3.64 -10.93 23.23
N ILE A 150 -2.40 -11.20 22.76
CA ILE A 150 -2.14 -11.80 21.44
C ILE A 150 -1.73 -13.28 21.56
N VAL A 151 -1.92 -14.03 20.45
CA VAL A 151 -1.58 -15.45 20.35
C VAL A 151 -0.35 -15.58 19.42
N VAL A 152 0.69 -16.30 19.88
CA VAL A 152 1.97 -16.51 19.18
C VAL A 152 1.80 -17.40 17.92
N PRO A 153 2.06 -16.85 16.70
CA PRO A 153 1.92 -17.67 15.48
C PRO A 153 3.16 -18.52 15.14
N LYS A 154 4.37 -18.03 15.46
CA LYS A 154 5.66 -18.69 15.22
C LYS A 154 5.85 -19.93 16.15
N PRO A 155 6.84 -20.84 15.87
CA PRO A 155 7.01 -22.04 16.73
C PRO A 155 7.49 -21.73 18.16
N PHE A 156 7.82 -22.79 18.94
CA PHE A 156 8.25 -22.76 20.35
C PHE A 156 9.50 -21.86 20.64
N ARG A 157 10.20 -21.35 19.60
CA ARG A 157 11.38 -20.51 19.76
C ARG A 157 11.04 -19.11 20.38
N PRO A 158 10.24 -18.19 19.76
CA PRO A 158 9.96 -16.91 20.43
C PRO A 158 8.98 -17.01 21.62
N ILE A 159 8.29 -18.16 21.78
CA ILE A 159 7.35 -18.39 22.87
C ILE A 159 8.16 -18.64 24.16
N LEU A 160 8.13 -17.65 25.09
CA LEU A 160 8.85 -17.69 26.36
C LEU A 160 8.20 -18.67 27.33
N LEU A 164 0.05 -13.34 25.33
CA LEU A 164 0.64 -12.32 26.20
C LEU A 164 -0.12 -11.00 26.12
N ASP A 165 -0.49 -10.45 27.29
CA ASP A 165 -1.17 -9.15 27.41
C ASP A 165 -0.13 -8.07 27.10
N LEU A 166 -0.12 -7.58 25.86
CA LEU A 166 0.85 -6.58 25.44
C LEU A 166 0.46 -5.16 25.90
N GLY A 167 -0.77 -5.01 26.41
CA GLY A 167 -1.29 -3.77 26.96
C GLY A 167 -1.11 -2.56 26.07
N ILE A 168 -0.26 -1.60 26.50
CA ILE A 168 0.03 -0.38 25.74
C ILE A 168 0.85 -0.71 24.47
N LEU A 169 1.74 -1.74 24.52
CA LEU A 169 2.55 -2.16 23.38
C LEU A 169 1.67 -2.73 22.24
N TYR A 170 0.44 -3.19 22.57
CA TYR A 170 -0.52 -3.66 21.58
C TYR A 170 -1.18 -2.45 20.90
N TYR A 171 -1.36 -1.35 21.66
CA TYR A 171 -1.91 -0.11 21.14
C TYR A 171 -0.84 0.62 20.34
N VAL A 172 0.45 0.38 20.66
CA VAL A 172 1.59 0.92 19.92
C VAL A 172 1.60 0.24 18.55
N TYR A 173 1.37 -1.09 18.53
CA TYR A 173 1.31 -1.93 17.33
C TYR A 173 0.23 -1.44 16.38
N MET A 174 -0.98 -1.15 16.90
CA MET A 174 -2.12 -0.67 16.11
C MET A 174 -1.85 0.71 15.52
N GLY A 175 -1.10 1.53 16.25
CA GLY A 175 -0.68 2.86 15.82
C GLY A 175 0.32 2.79 14.68
N LEU A 176 1.29 1.87 14.79
CA LEU A 176 2.34 1.64 13.79
C LEU A 176 1.86 0.77 12.60
N LEU A 177 0.62 0.23 12.66
CA LEU A 177 0.08 -0.60 11.58
C LEU A 177 -0.29 0.25 10.38
N ALA A 178 -1.00 1.38 10.62
CA ALA A 178 -1.43 2.33 9.57
C ALA A 178 -0.20 2.97 8.90
N VAL A 179 0.84 3.29 9.72
CA VAL A 179 2.11 3.89 9.30
C VAL A 179 2.83 2.93 8.36
N PHE A 180 2.86 1.61 8.68
CA PHE A 180 3.49 0.63 7.79
C PHE A 180 2.66 0.46 6.50
N CYS A 181 1.37 0.02 6.62
CA CYS A 181 0.45 -0.26 5.52
C CYS A 181 0.46 0.82 4.42
N THR A 182 0.28 2.12 4.76
CA THR A 182 0.25 3.20 3.75
C THR A 182 1.60 3.39 3.06
N ASN A 183 2.68 3.50 3.85
CA ASN A 183 4.03 3.71 3.33
C ASN A 183 4.49 2.53 2.49
N ALA A 184 4.24 1.27 2.92
CA ALA A 184 4.64 0.03 2.22
C ALA A 184 4.08 -0.01 0.80
N ILE A 185 2.85 0.51 0.60
CA ILE A 185 2.21 0.60 -0.71
C ILE A 185 2.90 1.75 -1.48
N ASN A 186 3.00 2.93 -0.82
CA ASN A 186 3.57 4.18 -1.34
C ASN A 186 5.02 4.04 -1.87
N ILE A 187 5.87 3.20 -1.21
CA ILE A 187 7.27 3.01 -1.62
C ILE A 187 7.39 1.84 -2.65
N LEU A 188 6.33 1.02 -2.79
CA LEU A 188 6.29 -0.03 -3.82
C LEU A 188 5.40 0.51 -4.94
N ALA A 189 5.93 1.51 -5.67
CA ALA A 189 5.22 2.24 -6.71
C ALA A 189 6.17 2.73 -7.80
N GLY A 190 5.62 3.51 -8.73
CA GLY A 190 6.36 4.14 -9.81
C GLY A 190 6.16 3.55 -11.18
N ILE A 191 5.30 2.53 -11.29
CA ILE A 191 4.97 1.88 -12.57
C ILE A 191 3.44 1.75 -12.63
N ASN A 192 2.87 2.11 -13.79
CA ASN A 192 1.44 2.23 -14.09
C ASN A 192 0.57 1.07 -13.58
N GLY A 193 -0.32 1.40 -12.62
CA GLY A 193 -1.28 0.48 -12.02
C GLY A 193 -0.75 -0.46 -10.95
N LEU A 194 0.44 -0.16 -10.37
CA LEU A 194 1.03 -1.00 -9.34
C LEU A 194 0.36 -0.75 -7.99
N GLU A 195 0.26 0.52 -7.57
CA GLU A 195 -0.32 0.98 -6.29
C GLU A 195 -1.80 0.62 -6.19
N ALA A 196 -2.61 1.02 -7.19
CA ALA A 196 -4.04 0.72 -7.23
C ALA A 196 -4.25 -0.79 -7.44
N GLY A 197 -3.41 -1.40 -8.28
CA GLY A 197 -3.45 -2.82 -8.62
C GLY A 197 -3.13 -3.77 -7.50
N GLN A 198 -2.08 -3.46 -6.68
CA GLN A 198 -1.70 -4.32 -5.54
C GLN A 198 -2.79 -4.30 -4.50
N SER A 199 -3.35 -3.11 -4.23
CA SER A 199 -4.47 -2.88 -3.29
C SER A 199 -5.70 -3.65 -3.75
N LEU A 200 -5.90 -3.73 -5.07
CA LEU A 200 -7.01 -4.43 -5.69
C LEU A 200 -6.90 -5.94 -5.44
N VAL A 201 -5.67 -6.49 -5.37
CA VAL A 201 -5.44 -7.92 -5.08
C VAL A 201 -5.66 -8.14 -3.58
N ILE A 202 -5.09 -7.24 -2.72
CA ILE A 202 -5.16 -7.28 -1.26
C ILE A 202 -6.63 -7.19 -0.80
N SER A 203 -7.40 -6.18 -1.25
CA SER A 203 -8.81 -6.00 -0.90
C SER A 203 -9.65 -7.23 -1.33
N ALA A 204 -9.41 -7.74 -2.55
CA ALA A 204 -10.09 -8.93 -3.07
C ALA A 204 -9.76 -10.15 -2.21
N SER A 205 -8.48 -10.28 -1.76
CA SER A 205 -8.02 -11.38 -0.89
C SER A 205 -8.73 -11.33 0.45
N ILE A 206 -8.93 -10.11 1.01
CA ILE A 206 -9.63 -9.91 2.28
C ILE A 206 -11.13 -10.21 2.05
N ILE A 207 -11.72 -9.77 0.89
CA ILE A 207 -13.13 -10.03 0.55
C ILE A 207 -13.38 -11.55 0.51
N VAL A 208 -12.54 -12.31 -0.24
CA VAL A 208 -12.63 -13.78 -0.37
C VAL A 208 -12.57 -14.43 1.02
N PHE A 209 -11.56 -14.05 1.83
CA PHE A 209 -11.34 -14.52 3.19
C PHE A 209 -12.56 -14.26 4.08
N ASN A 210 -13.14 -13.04 3.97
CA ASN A 210 -14.34 -12.62 4.72
C ASN A 210 -15.53 -13.50 4.42
N LEU A 211 -15.74 -13.83 3.13
CA LEU A 211 -16.83 -14.68 2.68
C LEU A 211 -16.66 -16.12 3.17
N VAL A 212 -15.40 -16.60 3.27
CA VAL A 212 -15.09 -17.94 3.76
C VAL A 212 -15.46 -18.01 5.26
N GLU A 213 -14.95 -17.03 6.02
CA GLU A 213 -15.17 -16.90 7.46
C GLU A 213 -16.59 -16.37 7.80
N LEU A 214 -17.38 -16.00 6.77
CA LEU A 214 -18.76 -15.52 6.93
C LEU A 214 -19.71 -16.69 7.17
N GLU A 215 -19.25 -17.93 6.91
CA GLU A 215 -20.04 -19.16 7.07
C GLU A 215 -20.14 -19.60 8.53
N GLY A 216 -19.13 -19.26 9.36
CA GLY A 216 -19.11 -19.62 10.77
C GLY A 216 -18.18 -18.84 11.67
N ASP A 217 -18.29 -19.11 13.00
CA ASP A 217 -17.53 -18.54 14.12
C ASP A 217 -17.65 -17.01 14.14
N CYS A 218 -16.57 -16.28 13.77
CA CYS A 218 -16.50 -14.82 13.71
C CYS A 218 -17.22 -14.35 12.45
N ARG A 219 -18.43 -13.81 12.60
CA ARG A 219 -19.21 -13.35 11.47
C ARG A 219 -19.34 -11.84 11.51
N ASP A 220 -19.57 -11.29 12.72
CA ASP A 220 -19.73 -9.86 13.01
C ASP A 220 -18.49 -9.04 12.62
N ASP A 221 -17.31 -9.70 12.58
CA ASP A 221 -16.02 -9.11 12.20
C ASP A 221 -15.84 -9.08 10.69
N HIS A 222 -16.41 -10.08 9.99
CA HIS A 222 -16.29 -10.23 8.54
C HIS A 222 -17.45 -9.57 7.80
N VAL A 223 -18.65 -9.43 8.43
CA VAL A 223 -19.77 -8.71 7.83
C VAL A 223 -19.44 -7.21 7.90
N PHE A 224 -18.66 -6.81 8.93
CA PHE A 224 -18.18 -5.46 9.16
C PHE A 224 -17.07 -5.11 8.19
N SER A 225 -16.05 -6.01 8.06
CA SER A 225 -14.92 -5.80 7.15
C SER A 225 -15.38 -5.70 5.70
N LEU A 226 -16.39 -6.49 5.31
CA LEU A 226 -16.96 -6.45 3.96
C LEU A 226 -17.63 -5.10 3.66
N TYR A 227 -18.22 -4.43 4.68
CA TYR A 227 -18.86 -3.12 4.50
C TYR A 227 -17.87 -2.07 3.99
N PHE A 228 -16.57 -2.20 4.35
CA PHE A 228 -15.52 -1.26 3.95
C PHE A 228 -14.71 -1.75 2.73
N MET A 229 -14.56 -3.09 2.58
CA MET A 229 -13.76 -3.72 1.53
C MET A 229 -14.46 -3.77 0.16
N ILE A 230 -15.79 -4.04 0.11
CA ILE A 230 -16.55 -4.07 -1.16
C ILE A 230 -16.48 -2.65 -1.82
N PRO A 231 -16.76 -1.52 -1.10
CA PRO A 231 -16.63 -0.20 -1.75
C PRO A 231 -15.18 0.18 -2.02
N PHE A 232 -14.20 -0.22 -1.16
CA PHE A 232 -12.80 0.10 -1.46
C PHE A 232 -12.40 -0.55 -2.79
N PHE A 233 -12.84 -1.81 -3.01
CA PHE A 233 -12.55 -2.55 -4.22
C PHE A 233 -13.13 -1.87 -5.47
N PHE A 234 -14.45 -1.64 -5.50
CA PHE A 234 -15.16 -1.07 -6.63
C PHE A 234 -14.75 0.37 -6.96
N THR A 235 -14.32 1.17 -5.95
CA THR A 235 -13.85 2.53 -6.26
C THR A 235 -12.44 2.44 -6.85
N THR A 236 -11.53 1.63 -6.22
CA THR A 236 -10.16 1.44 -6.69
C THR A 236 -10.16 0.90 -8.12
N LEU A 237 -11.14 0.04 -8.46
CA LEU A 237 -11.37 -0.50 -9.82
C LEU A 237 -11.61 0.69 -10.79
N GLY A 238 -12.49 1.62 -10.38
CA GLY A 238 -12.82 2.83 -11.11
C GLY A 238 -11.64 3.75 -11.31
N LEU A 239 -10.69 3.72 -10.34
CA LEU A 239 -9.44 4.48 -10.39
C LEU A 239 -8.47 3.77 -11.34
N LEU A 240 -8.37 2.44 -11.22
CA LEU A 240 -7.50 1.63 -12.05
C LEU A 240 -7.94 1.73 -13.53
N TYR A 241 -9.24 2.05 -13.77
CA TYR A 241 -9.75 2.22 -15.13
C TYR A 241 -8.98 3.32 -15.86
N HIS A 242 -8.56 4.36 -15.13
CA HIS A 242 -7.82 5.48 -15.68
C HIS A 242 -6.33 5.42 -15.31
N ASN A 243 -5.95 4.63 -14.27
CA ASN A 243 -4.55 4.51 -13.86
C ASN A 243 -3.81 3.38 -14.58
N TRP A 244 -4.54 2.39 -15.16
CA TRP A 244 -3.87 1.28 -15.84
C TRP A 244 -3.13 1.77 -17.09
N TYR A 245 -2.09 1.02 -17.52
CA TYR A 245 -1.23 1.35 -18.65
C TYR A 245 -2.00 1.56 -19.97
N PRO A 246 -1.83 2.72 -20.66
CA PRO A 246 -1.01 3.88 -20.28
C PRO A 246 -1.76 4.79 -19.30
N SER A 247 -1.10 5.13 -18.18
CA SER A 247 -1.69 5.97 -17.13
C SER A 247 -2.19 7.29 -17.68
N ARG A 248 -3.51 7.53 -17.52
CA ARG A 248 -4.20 8.78 -17.89
C ARG A 248 -4.20 9.71 -16.68
N VAL A 249 -4.24 9.10 -15.47
CA VAL A 249 -4.21 9.75 -14.15
C VAL A 249 -3.29 8.97 -13.20
N PHE A 250 -2.83 9.62 -12.13
CA PHE A 250 -1.99 9.02 -11.10
C PHE A 250 -2.75 9.00 -9.77
N VAL A 251 -2.66 7.88 -9.03
CA VAL A 251 -3.37 7.65 -7.77
C VAL A 251 -2.94 8.67 -6.66
N GLY A 252 -1.65 8.99 -6.60
CA GLY A 252 -1.07 9.88 -5.61
C GLY A 252 -0.95 9.29 -4.22
N ASP A 253 -0.35 10.06 -3.28
CA ASP A 253 -0.17 9.70 -1.87
C ASP A 253 -1.51 9.56 -1.18
N THR A 254 -2.51 10.39 -1.61
CA THR A 254 -3.89 10.39 -1.12
C THR A 254 -4.43 8.99 -1.15
N PHE A 255 -4.22 8.26 -2.26
CA PHE A 255 -4.70 6.90 -2.35
C PHE A 255 -3.93 5.96 -1.40
N CYS A 256 -2.57 5.99 -1.39
CA CYS A 256 -1.75 5.11 -0.54
C CYS A 256 -2.12 5.24 0.90
N TYR A 257 -2.34 6.47 1.37
CA TYR A 257 -2.77 6.81 2.72
C TYR A 257 -4.15 6.19 3.02
N PHE A 258 -5.12 6.37 2.09
CA PHE A 258 -6.48 5.84 2.13
C PHE A 258 -6.45 4.32 2.19
N ALA A 259 -5.80 3.67 1.21
CA ALA A 259 -5.65 2.22 1.10
C ALA A 259 -5.07 1.63 2.39
N GLY A 260 -3.85 2.06 2.75
CA GLY A 260 -3.16 1.60 3.95
C GLY A 260 -4.03 1.57 5.18
N MET A 261 -4.68 2.72 5.49
CA MET A 261 -5.57 2.90 6.65
C MET A 261 -6.82 2.03 6.57
N THR A 262 -7.43 1.86 5.38
CA THR A 262 -8.63 1.05 5.24
C THR A 262 -8.25 -0.40 5.61
N PHE A 263 -7.08 -0.89 5.12
CA PHE A 263 -6.59 -2.22 5.42
C PHE A 263 -6.28 -2.33 6.90
N ALA A 264 -5.46 -1.39 7.42
CA ALA A 264 -5.08 -1.34 8.83
C ALA A 264 -6.31 -1.26 9.74
N GLY A 265 -7.35 -0.57 9.29
CA GLY A 265 -8.59 -0.42 10.03
C GLY A 265 -9.36 -1.70 10.15
N VAL A 266 -9.65 -2.36 8.99
CA VAL A 266 -10.43 -3.60 8.97
C VAL A 266 -9.64 -4.74 9.67
N GLY A 267 -8.30 -4.72 9.55
CA GLY A 267 -7.44 -5.68 10.20
C GLY A 267 -7.52 -5.57 11.72
N ILE A 268 -7.46 -4.32 12.23
CA ILE A 268 -7.51 -3.98 13.66
C ILE A 268 -8.91 -4.33 14.28
N LEU A 269 -9.98 -3.73 13.74
CA LEU A 269 -11.34 -3.88 14.26
C LEU A 269 -11.93 -5.27 13.97
N GLY A 270 -11.55 -5.86 12.85
CA GLY A 270 -12.01 -7.20 12.46
C GLY A 270 -11.25 -8.32 13.15
N HIS A 271 -10.12 -7.97 13.80
CA HIS A 271 -9.23 -8.86 14.56
C HIS A 271 -8.56 -9.91 13.64
N PHE A 272 -7.99 -9.46 12.52
CA PHE A 272 -7.29 -10.35 11.59
C PHE A 272 -6.11 -9.64 10.90
N SER A 273 -5.44 -8.72 11.63
CA SER A 273 -4.28 -7.96 11.15
C SER A 273 -3.12 -8.90 10.77
N LYS A 274 -3.02 -10.08 11.44
CA LYS A 274 -2.02 -11.11 11.19
C LYS A 274 -2.18 -11.66 9.76
N THR A 275 -3.41 -12.15 9.41
CA THR A 275 -3.78 -12.68 8.08
C THR A 275 -3.58 -11.58 7.04
N MET A 276 -4.01 -10.35 7.36
CA MET A 276 -3.90 -9.18 6.50
C MET A 276 -2.42 -8.87 6.20
N LEU A 277 -1.54 -8.95 7.22
CA LEU A 277 -0.10 -8.71 7.04
C LEU A 277 0.57 -9.80 6.19
N LEU A 278 -0.07 -10.97 6.09
CA LEU A 278 0.41 -12.07 5.25
C LEU A 278 -0.04 -11.87 3.81
N PHE A 279 -1.11 -11.07 3.61
CA PHE A 279 -1.58 -10.72 2.29
C PHE A 279 -0.63 -9.65 1.72
N PHE A 280 0.07 -8.93 2.64
CA PHE A 280 1.04 -7.85 2.42
C PHE A 280 2.50 -8.34 2.25
N MET A 281 2.72 -9.59 1.81
CA MET A 281 4.06 -10.17 1.67
C MET A 281 4.98 -9.41 0.67
N PRO A 282 4.60 -9.07 -0.60
CA PRO A 282 5.54 -8.34 -1.47
C PRO A 282 5.95 -6.98 -0.87
N GLN A 283 4.96 -6.26 -0.26
CA GLN A 283 5.10 -4.95 0.40
C GLN A 283 6.12 -5.00 1.55
N VAL A 284 6.10 -6.10 2.36
CA VAL A 284 6.99 -6.36 3.50
C VAL A 284 8.41 -6.59 2.99
N PHE A 285 8.57 -7.43 1.93
CA PHE A 285 9.87 -7.70 1.33
C PHE A 285 10.47 -6.44 0.76
N ASN A 286 9.64 -5.66 0.03
CA ASN A 286 10.07 -4.39 -0.57
C ASN A 286 10.51 -3.40 0.51
N PHE A 287 9.79 -3.33 1.65
CA PHE A 287 10.12 -2.41 2.74
C PHE A 287 11.47 -2.76 3.35
N LEU A 288 11.70 -4.06 3.70
CA LEU A 288 12.93 -4.53 4.32
C LEU A 288 14.11 -4.48 3.33
N TYR A 289 13.89 -4.87 2.05
CA TYR A 289 14.93 -4.82 1.03
C TYR A 289 15.38 -3.37 0.81
N SER A 290 14.45 -2.42 0.98
CA SER A 290 14.69 -0.97 0.86
C SER A 290 15.33 -0.38 2.10
N LEU A 291 15.12 -1.01 3.28
CA LEU A 291 15.57 -0.56 4.61
C LEU A 291 17.00 0.05 4.65
N PRO A 292 18.08 -0.50 4.03
CA PRO A 292 19.39 0.17 4.10
C PRO A 292 19.39 1.55 3.42
N GLN A 293 18.63 1.69 2.31
CA GLN A 293 18.50 2.94 1.57
C GLN A 293 17.60 3.91 2.33
N LEU A 294 16.43 3.44 2.84
CA LEU A 294 15.48 4.24 3.60
C LEU A 294 16.14 4.85 4.85
N LEU A 295 17.08 4.11 5.48
CA LEU A 295 17.82 4.56 6.66
C LEU A 295 19.09 5.36 6.28
N HIS A 296 19.38 5.46 4.97
CA HIS A 296 20.49 6.19 4.35
C HIS A 296 21.87 5.68 4.77
N ILE A 297 21.99 4.35 5.00
CA ILE A 297 23.25 3.67 5.33
C ILE A 297 24.01 3.51 4.01
N ILE A 298 23.25 3.36 2.92
CA ILE A 298 23.65 3.29 1.51
C ILE A 298 22.88 4.45 0.83
N PRO A 299 23.55 5.37 0.07
CA PRO A 299 22.83 6.51 -0.54
C PRO A 299 21.52 6.15 -1.24
N CYS A 300 20.46 6.92 -0.90
CA CYS A 300 19.10 6.73 -1.41
C CYS A 300 18.71 7.87 -2.37
N PRO A 301 18.57 7.60 -3.69
CA PRO A 301 18.14 8.67 -4.61
C PRO A 301 16.64 8.91 -4.48
N ARG A 302 16.20 10.15 -4.79
CA ARG A 302 14.80 10.61 -4.68
C ARG A 302 13.84 9.62 -5.37
N HIS A 303 14.14 9.22 -6.64
CA HIS A 303 13.33 8.26 -7.39
C HIS A 303 14.10 6.98 -7.64
N ARG A 304 13.61 5.86 -7.08
CA ARG A 304 14.24 4.54 -7.18
C ARG A 304 13.45 3.63 -8.16
N ILE A 305 12.77 4.27 -9.12
CA ILE A 305 12.00 3.61 -10.19
C ILE A 305 12.97 3.20 -11.32
N PRO A 306 12.70 2.10 -12.06
CA PRO A 306 13.64 1.67 -13.12
C PRO A 306 13.82 2.71 -14.24
N ARG A 307 14.93 2.56 -15.01
CA ARG A 307 15.25 3.44 -16.13
C ARG A 307 14.73 2.87 -17.43
N LEU A 308 14.09 3.70 -18.26
CA LEU A 308 13.56 3.28 -19.55
C LEU A 308 14.64 3.33 -20.64
N ASN A 309 14.87 2.20 -21.32
CA ASN A 309 15.82 2.17 -22.43
C ASN A 309 15.02 2.52 -23.68
N ILE A 310 15.04 3.82 -24.07
CA ILE A 310 14.30 4.45 -25.18
C ILE A 310 14.31 3.57 -26.46
N LYS A 311 15.47 2.94 -26.78
CA LYS A 311 15.62 2.07 -27.94
C LYS A 311 14.87 0.73 -27.78
N THR A 312 14.90 0.16 -26.56
CA THR A 312 14.25 -1.13 -26.22
C THR A 312 12.74 -1.00 -26.00
N GLY A 313 12.34 0.05 -25.28
CA GLY A 313 10.96 0.30 -24.89
C GLY A 313 10.66 -0.29 -23.53
N LYS A 314 11.49 -1.29 -23.12
CA LYS A 314 11.42 -2.03 -21.86
C LYS A 314 12.16 -1.28 -20.73
N LEU A 315 11.85 -1.63 -19.47
CA LEU A 315 12.46 -1.02 -18.30
C LEU A 315 13.68 -1.81 -17.82
N GLU A 316 14.82 -1.10 -17.67
CA GLU A 316 16.09 -1.63 -17.18
C GLU A 316 16.32 -1.13 -15.74
N MET A 317 17.12 -1.88 -14.95
CA MET A 317 17.46 -1.58 -13.56
C MET A 317 17.98 -0.15 -13.35
N SER A 318 17.66 0.45 -12.19
CA SER A 318 18.17 1.78 -11.82
C SER A 318 19.28 1.62 -10.78
N TYR A 319 20.31 2.48 -10.85
CA TYR A 319 21.46 2.39 -9.95
C TYR A 319 21.67 3.66 -9.14
N SER A 320 22.38 3.51 -8.00
CA SER A 320 22.75 4.58 -7.08
C SER A 320 24.28 4.63 -6.98
N LYS A 321 24.93 5.45 -7.84
CA LYS A 321 26.39 5.59 -7.86
C LYS A 321 26.82 6.63 -6.83
N PHE A 322 27.96 6.37 -6.16
CA PHE A 322 28.52 7.23 -5.12
C PHE A 322 30.00 6.93 -4.88
N LYS A 323 30.73 7.88 -4.28
CA LYS A 323 32.13 7.71 -3.93
C LYS A 323 32.24 6.73 -2.75
N THR A 324 33.02 5.66 -2.95
CA THR A 324 33.20 4.56 -1.99
C THR A 324 33.86 5.01 -0.66
N LYS A 325 34.66 6.10 -0.68
CA LYS A 325 35.34 6.65 0.50
C LYS A 325 34.32 7.26 1.48
N SER A 326 33.26 7.91 0.94
CA SER A 326 32.18 8.56 1.69
C SER A 326 31.27 7.54 2.38
N LEU A 327 31.29 6.26 1.91
CA LEU A 327 30.48 5.16 2.46
C LEU A 327 31.01 4.71 3.83
N SER A 328 30.08 4.50 4.78
CA SER A 328 30.34 4.08 6.17
C SER A 328 30.77 2.61 6.25
N PHE A 329 31.31 2.18 7.41
CA PHE A 329 31.75 0.80 7.66
C PHE A 329 30.57 -0.18 7.64
N LEU A 330 29.39 0.24 8.13
CA LEU A 330 28.17 -0.57 8.14
C LEU A 330 27.59 -0.68 6.74
N GLY A 331 27.66 0.43 5.98
CA GLY A 331 27.17 0.53 4.61
C GLY A 331 27.81 -0.47 3.67
N THR A 332 29.16 -0.48 3.63
CA THR A 332 29.95 -1.39 2.80
C THR A 332 29.79 -2.85 3.28
N PHE A 333 29.41 -3.05 4.55
CA PHE A 333 29.18 -4.36 5.14
C PHE A 333 27.85 -4.93 4.63
N ILE A 334 26.74 -4.15 4.75
CA ILE A 334 25.39 -4.52 4.29
C ILE A 334 25.41 -4.80 2.78
N LEU A 335 26.07 -3.90 2.02
CA LEU A 335 26.25 -3.96 0.57
C LEU A 335 26.97 -5.27 0.13
N LYS A 336 28.12 -5.62 0.79
CA LYS A 336 28.91 -6.81 0.50
C LYS A 336 28.20 -8.12 0.92
N VAL A 337 27.31 -8.06 1.94
CA VAL A 337 26.53 -9.21 2.39
C VAL A 337 25.40 -9.45 1.37
N ALA A 338 24.79 -8.36 0.87
CA ALA A 338 23.72 -8.42 -0.14
C ALA A 338 24.27 -8.81 -1.51
N GLU A 339 25.51 -8.39 -1.82
CA GLU A 339 26.23 -8.70 -3.07
C GLU A 339 26.47 -10.20 -3.17
N SER A 340 26.97 -10.81 -2.08
CA SER A 340 27.25 -12.24 -1.96
C SER A 340 25.96 -13.06 -1.97
N LEU A 341 24.91 -12.60 -1.28
CA LEU A 341 23.59 -13.24 -1.24
C LEU A 341 22.89 -13.19 -2.61
N GLN A 342 23.57 -12.57 -3.62
CA GLN A 342 23.14 -12.35 -5.01
C GLN A 342 21.82 -11.54 -5.05
N LEU A 343 21.79 -10.43 -4.27
CA LEU A 343 20.64 -9.52 -4.17
C LEU A 343 20.88 -8.19 -4.87
N VAL A 344 22.11 -7.63 -4.77
CA VAL A 344 22.43 -6.35 -5.41
C VAL A 344 23.50 -6.53 -6.48
N THR A 345 23.40 -5.71 -7.55
CA THR A 345 24.33 -5.71 -8.68
C THR A 345 25.24 -4.49 -8.49
N VAL A 346 26.45 -4.73 -7.96
CA VAL A 346 27.44 -3.70 -7.63
C VAL A 346 28.46 -3.58 -8.79
N HIS A 347 28.57 -2.36 -9.36
CA HIS A 347 29.49 -2.04 -10.45
C HIS A 347 30.46 -0.95 -9.99
N GLN A 348 31.72 -1.33 -9.72
CA GLN A 348 32.73 -0.39 -9.26
C GLN A 348 33.52 0.20 -10.43
N SER A 349 33.74 1.51 -10.40
CA SER A 349 34.45 2.29 -11.44
C SER A 349 35.46 3.26 -10.83
N GLU A 350 36.35 3.83 -11.67
CA GLU A 350 37.39 4.78 -11.25
C GLU A 350 37.68 5.82 -12.35
N THR A 351 37.52 7.11 -12.03
CA THR A 351 37.78 8.26 -12.93
C THR A 351 38.86 9.18 -12.31
N GLU A 352 38.99 10.42 -12.84
CA GLU A 352 39.93 11.43 -12.37
C GLU A 352 39.49 11.97 -11.01
N ASP A 353 38.15 12.00 -10.76
CA ASP A 353 37.53 12.45 -9.52
C ASP A 353 37.84 11.46 -8.37
N GLY A 354 37.98 10.18 -8.72
CA GLY A 354 38.27 9.09 -7.79
C GLY A 354 37.57 7.80 -8.15
N GLU A 355 37.42 6.90 -7.16
CA GLU A 355 36.76 5.61 -7.36
C GLU A 355 35.33 5.62 -6.80
N PHE A 356 34.37 5.16 -7.62
CA PHE A 356 32.95 5.11 -7.28
C PHE A 356 32.43 3.67 -7.12
N THR A 357 31.16 3.54 -6.67
CA THR A 357 30.44 2.28 -6.46
C THR A 357 28.99 2.50 -6.91
N GLU A 358 28.59 1.85 -8.03
CA GLU A 358 27.24 1.96 -8.58
C GLU A 358 26.45 0.69 -8.24
N CYS A 359 25.77 0.75 -7.08
CA CYS A 359 24.95 -0.34 -6.54
C CYS A 359 23.52 -0.25 -7.09
N ASN A 360 22.86 -1.40 -7.18
CA ASN A 360 21.46 -1.56 -7.61
C ASN A 360 20.52 -0.87 -6.62
N ASN A 361 19.45 -0.20 -7.13
CA ASN A 361 18.47 0.44 -6.27
C ASN A 361 17.63 -0.65 -5.61
N MET A 362 17.77 -0.78 -4.29
CA MET A 362 17.13 -1.81 -3.47
C MET A 362 15.61 -1.68 -3.39
N THR A 363 14.91 -2.29 -4.37
CA THR A 363 13.46 -2.33 -4.49
C THR A 363 13.07 -3.65 -5.20
N LEU A 364 11.89 -4.19 -4.86
CA LEU A 364 11.37 -5.44 -5.43
C LEU A 364 11.24 -5.36 -6.96
N ILE A 365 10.98 -4.14 -7.50
CA ILE A 365 10.86 -3.90 -8.95
C ILE A 365 12.22 -4.15 -9.62
N ASN A 366 13.30 -3.53 -9.10
CA ASN A 366 14.65 -3.70 -9.65
C ASN A 366 15.21 -5.12 -9.42
N LEU A 367 14.80 -5.80 -8.32
CA LEU A 367 15.21 -7.19 -8.03
C LEU A 367 14.57 -8.12 -9.06
N LEU A 368 13.33 -7.79 -9.51
CA LEU A 368 12.65 -8.56 -10.54
C LEU A 368 13.34 -8.37 -11.89
N LEU A 369 13.89 -7.16 -12.14
CA LEU A 369 14.65 -6.86 -13.35
C LEU A 369 16.08 -7.42 -13.25
N LYS A 370 16.55 -7.69 -12.02
CA LYS A 370 17.87 -8.28 -11.75
C LYS A 370 17.82 -9.77 -12.08
N VAL A 371 16.70 -10.42 -11.72
CA VAL A 371 16.45 -11.85 -11.89
C VAL A 371 15.93 -12.14 -13.31
N LEU A 372 14.85 -11.47 -13.76
CA LEU A 372 14.22 -11.73 -15.07
C LEU A 372 14.74 -10.85 -16.24
N GLY A 373 15.65 -9.91 -15.98
CA GLY A 373 16.18 -9.04 -17.02
C GLY A 373 15.26 -7.87 -17.35
N PRO A 374 15.53 -7.10 -18.42
CA PRO A 374 14.64 -5.95 -18.74
C PRO A 374 13.25 -6.38 -19.18
N ILE A 375 12.22 -5.86 -18.49
CA ILE A 375 10.81 -6.16 -18.73
C ILE A 375 10.08 -4.87 -19.09
N HIS A 376 9.13 -4.95 -20.04
CA HIS A 376 8.29 -3.81 -20.43
C HIS A 376 7.37 -3.42 -19.27
N GLU A 377 7.11 -2.10 -19.12
CA GLU A 377 6.31 -1.50 -18.04
C GLU A 377 4.96 -2.20 -17.79
N ARG A 378 4.17 -2.44 -18.86
CA ARG A 378 2.85 -3.08 -18.73
C ARG A 378 3.00 -4.51 -18.18
N ASN A 379 4.01 -5.25 -18.68
CA ASN A 379 4.30 -6.62 -18.27
C ASN A 379 4.85 -6.68 -16.84
N LEU A 380 5.73 -5.72 -16.47
CA LEU A 380 6.37 -5.65 -15.15
C LEU A 380 5.35 -5.47 -14.03
N THR A 381 4.40 -4.53 -14.19
CA THR A 381 3.33 -4.29 -13.22
C THR A 381 2.48 -5.56 -13.09
N LEU A 382 2.02 -6.10 -14.23
CA LEU A 382 1.20 -7.31 -14.35
C LEU A 382 1.88 -8.49 -13.68
N LEU A 383 3.22 -8.58 -13.79
CA LEU A 383 4.05 -9.61 -13.16
C LEU A 383 4.04 -9.47 -11.64
N LEU A 384 4.14 -8.22 -11.15
CA LEU A 384 4.12 -7.90 -9.73
C LEU A 384 2.75 -8.20 -9.12
N LEU A 385 1.66 -7.98 -9.91
CA LEU A 385 0.28 -8.23 -9.48
C LEU A 385 0.02 -9.73 -9.37
N LEU A 386 0.66 -10.50 -10.26
CA LEU A 386 0.60 -11.95 -10.28
C LEU A 386 1.39 -12.48 -9.08
N LEU A 387 2.51 -11.81 -8.75
CA LEU A 387 3.38 -12.13 -7.61
C LEU A 387 2.61 -11.89 -6.31
N GLN A 388 1.72 -10.87 -6.33
CA GLN A 388 0.82 -10.51 -5.24
C GLN A 388 -0.26 -11.59 -5.12
N ILE A 389 -0.76 -12.09 -6.28
CA ILE A 389 -1.77 -13.14 -6.39
C ILE A 389 -1.20 -14.43 -5.80
N LEU A 390 0.07 -14.74 -6.11
CA LEU A 390 0.78 -15.93 -5.61
C LEU A 390 0.89 -15.92 -4.09
N GLY A 391 1.22 -14.75 -3.54
CA GLY A 391 1.33 -14.56 -2.09
C GLY A 391 0.03 -14.84 -1.38
N SER A 392 -1.11 -14.34 -1.94
CA SER A 392 -2.46 -14.55 -1.40
C SER A 392 -2.80 -16.03 -1.43
N ALA A 393 -2.38 -16.75 -2.48
CA ALA A 393 -2.58 -18.19 -2.60
C ALA A 393 -1.77 -18.92 -1.51
N ILE A 394 -0.52 -18.47 -1.26
CA ILE A 394 0.38 -19.01 -0.22
C ILE A 394 -0.27 -18.83 1.16
N THR A 395 -0.78 -17.62 1.48
CA THR A 395 -1.47 -17.28 2.74
C THR A 395 -2.74 -18.15 2.90
N PHE A 396 -3.58 -18.20 1.84
CA PHE A 396 -4.82 -18.98 1.83
C PHE A 396 -4.53 -20.47 1.96
N SER A 397 -3.37 -20.94 1.47
CA SER A 397 -2.96 -22.35 1.60
C SER A 397 -2.49 -22.64 3.03
N ILE A 398 -1.72 -21.70 3.63
CA ILE A 398 -1.19 -21.75 4.99
C ILE A 398 -2.35 -21.83 6.01
N ARG A 399 -3.32 -20.90 5.90
CA ARG A 399 -4.44 -20.74 6.81
C ARG A 399 -5.61 -21.72 6.57
N TYR A 400 -5.64 -22.46 5.44
CA TYR A 400 -6.77 -23.36 5.19
C TYR A 400 -6.36 -24.80 4.79
N GLN A 401 -5.06 -25.15 4.96
CA GLN A 401 -4.49 -26.47 4.66
C GLN A 401 -4.70 -26.85 3.18
N LEU A 402 -3.85 -26.30 2.30
CA LEU A 402 -3.90 -26.53 0.84
C LEU A 402 -2.48 -26.77 0.25
N VAL A 403 -1.51 -27.17 1.10
CA VAL A 403 -0.14 -27.46 0.70
C VAL A 403 -0.08 -28.89 0.12
O4 P6L B . -6.59 -5.06 -17.59
C5 P6L B . -7.26 -5.62 -18.77
C6 P6L B . -8.44 -4.76 -19.11
C7 P6L B . -6.30 -5.77 -19.92
O9 P6L B . -5.56 -4.56 -20.14
O10 P6L B . -4.03 -5.55 -21.96
P11 P6L B . -4.11 -4.53 -20.90
O12 P6L B . -3.95 -3.04 -21.49
O13 P6L B . -3.05 -4.70 -19.81
C14 P6L B . -6.04 -5.90 -16.69
O15 P6L B . -5.89 -7.08 -16.87
C18 P6L B . -5.65 -5.17 -15.44
C19 P6L B . -5.42 -6.06 -14.22
C20 P6L B . -6.70 -6.58 -13.59
C21 P6L B . -6.47 -7.46 -12.36
C22 P6L B . -7.53 -7.25 -11.31
C23 P6L B . -7.69 -7.87 -10.15
C24 P6L B . -6.85 -8.98 -9.57
C25 P6L B . -7.54 -9.70 -8.41
C26 P6L B . -8.69 -10.62 -8.82
C37 P6L B . -9.58 -11.10 -7.68
C45 P6L B . -9.18 -12.42 -7.01
C46 P6L B . -8.15 -12.32 -5.89
C47 P6L B . -8.48 -13.14 -4.65
C48 P6L B . -8.05 -14.60 -4.69
C49 P6L B . -6.58 -14.81 -4.37
C2 9LH C . 5.83 10.29 -4.95
C1 9LH C . 5.75 10.84 -6.36
O2 9LH C . 8.45 8.25 -3.53
O3 9LH C . 7.72 6.42 -4.86
N 9LH C . 10.61 6.74 -2.51
C3 9LH C . 7.19 8.89 -3.60
C4 9LH C . 8.42 6.84 -3.68
C5 9LH C . 8.37 6.77 -6.10
C6 9LH C . 7.45 6.27 -7.19
O15 9LH C . 6.36 7.71 -13.19
C37 9LH C . 5.38 7.38 -12.53
N3 9LH C . 4.59 6.31 -12.89
C36 9LH C . 3.47 5.85 -12.22
O14 9LH C . 2.86 4.86 -12.66
C35 9LH C . 3.12 6.59 -11.04
C34 9LH C . 3.86 7.64 -10.68
N2 9LH C . 4.97 8.06 -11.40
C31 9LH C . 5.75 9.24 -10.98
O11 9LH C . 6.15 9.06 -9.63
C32 9LH C . 4.99 10.57 -11.08
O12 9LH C . 5.80 11.57 -11.72
C33 9LH C . 4.72 10.93 -9.62
O13 9LH C . 4.79 12.34 -9.39
C30 9LH C . 5.85 10.22 -8.86
C 9LH C . 5.52 9.78 -7.43
O 9LH C . 4.18 9.30 -7.35
C29 9LH C . 5.66 11.33 -3.84
O10 9LH C . 6.59 12.40 -3.97
C28 9LH C . 5.82 10.66 -2.47
O9 9LH C . 5.85 11.65 -1.45
C12 9LH C . 7.08 9.80 -2.38
C9 9LH C . 9.85 6.30 -3.67
C10 9LH C . 11.28 5.89 -1.72
O7 9LH C . 11.03 4.68 -1.71
C11 9LH C . 12.35 6.50 -0.88
C8 9LH C . 10.59 6.62 -4.95
O6 9LH C . 11.86 5.98 -4.94
C7 9LH C . 9.77 6.19 -6.17
O5 9LH C . 10.42 6.66 -7.34
O4 9LH C . 6.09 6.43 -6.83
O1 9LH C . 7.09 9.62 -4.81
N1 9LH C . 7.08 9.01 -1.16
C13 9LH C . 8.16 8.85 -0.39
O8 9LH C . 9.27 9.37 -0.69
C14 9LH C . 7.95 8.04 0.82
C15 9LH C . 8.91 7.81 1.70
C16 9LH C . 8.77 7.01 2.94
C17 9LH C . 10.12 6.69 3.60
C18 9LH C . 10.09 5.46 4.48
C19 9LH C . 9.79 5.73 5.94
C20 9LH C . 9.44 4.47 6.72
C21 9LH C . 7.97 4.10 6.64
C22 9LH C . 7.57 2.76 7.24
C23 9LH C . 7.66 2.65 8.76
C24 9LH C . 7.04 1.38 9.30
C25 9LH C . 7.40 0.97 10.72
C27 9LH C . 7.28 -0.53 10.90
C26 9LH C . 6.59 1.71 11.77
CA5 UNL D . 7.01 -6.47 13.73
C11 UNL D . 6.39 -7.21 14.91
C12 UNL D . 5.72 -8.35 14.84
C13 UNL D . 5.10 -9.10 16.03
C14 UNL D . 3.73 -8.61 16.48
C15 UNL D . 2.57 -9.32 15.80
C16 UNL D . 1.23 -9.11 16.48
C17 UNL D . 0.14 -10.00 15.94
C18 UNL D . -1.21 -9.82 16.60
C19 UNL D . -2.28 -10.73 16.03
C20 UNL D . -3.67 -10.39 16.51
CA7 UNL D . 10.03 -2.94 10.72
C31 UNL D . 9.94 -4.38 10.24
C32 UNL D . 8.60 -5.07 10.51
C33 UNL D . 7.52 -4.77 9.48
C34 UNL D . 6.10 -5.04 9.96
C35 UNL D . 5.47 -3.89 10.75
C36 UNL D . 4.08 -4.20 11.30
C37 UNL D . 3.33 -3.01 11.89
C38 UNL D . 3.84 -2.55 13.23
#